data_2VBY
#
_entry.id   2VBY
#
_cell.length_a   100.810
_cell.length_b   100.810
_cell.length_c   99.357
_cell.angle_alpha   90.00
_cell.angle_beta   90.00
_cell.angle_gamma   90.00
#
_symmetry.space_group_name_H-M   'P 42 21 2'
#
loop_
_entity.id
_entity.type
_entity.pdbx_description
1 polymer 'TRANSCRIPTIONAL REGULATORY PROTEIN'
2 non-polymer TYROSINE
3 water water
#
_entity_poly.entity_id   1
_entity_poly.type   'polypeptide(L)'
_entity_poly.pdbx_seq_one_letter_code
;MNEALDDIDRILVRELAADGRATLSELATRAGLSVSAVQSRVRRLESRGVVQGYSARINPEAVGHLLSAFVAITPLDPSQ
PDDAPARLEHIEEVESCYSVAGEESYVLLVRVASARALEDLLQRIRTTANVRTRSTIILNTFYSDRQHIP
;
_entity_poly.pdbx_strand_id   A,B
#
# COMPACT_ATOMS: atom_id res chain seq x y z
N ALA A 4 -0.28 10.83 -21.90
CA ALA A 4 -1.20 10.26 -22.95
C ALA A 4 -2.09 9.11 -22.35
N LEU A 5 -3.11 9.51 -21.53
CA LEU A 5 -4.16 8.66 -20.93
C LEU A 5 -5.53 9.25 -21.22
N ASP A 6 -6.28 8.71 -22.21
CA ASP A 6 -7.63 9.28 -22.53
C ASP A 6 -8.73 9.01 -21.51
N ASP A 7 -9.90 9.63 -21.67
CA ASP A 7 -11.02 9.35 -20.75
C ASP A 7 -11.32 7.88 -20.53
N ILE A 8 -11.15 7.07 -21.59
CA ILE A 8 -11.42 5.64 -21.53
C ILE A 8 -10.43 4.94 -20.59
N ASP A 9 -9.15 5.16 -20.76
CA ASP A 9 -8.21 4.58 -19.85
C ASP A 9 -8.40 5.01 -18.41
N ARG A 10 -8.64 6.29 -18.19
CA ARG A 10 -9.07 6.72 -16.90
C ARG A 10 -10.15 5.76 -16.30
N ILE A 11 -11.21 5.45 -17.08
CA ILE A 11 -12.35 4.63 -16.54
C ILE A 11 -11.90 3.22 -16.17
N LEU A 12 -11.08 2.67 -17.07
CA LEU A 12 -10.55 1.34 -16.87
C LEU A 12 -9.77 1.25 -15.58
N VAL A 13 -8.78 2.14 -15.29
CA VAL A 13 -7.88 2.03 -14.13
C VAL A 13 -8.67 2.36 -12.91
N ARG A 14 -9.59 3.30 -13.05
CA ARG A 14 -10.44 3.63 -11.93
C ARG A 14 -11.27 2.40 -11.47
N GLU A 15 -11.82 1.65 -12.41
CA GLU A 15 -12.46 0.37 -12.16
C GLU A 15 -11.57 -0.74 -11.69
N LEU A 16 -10.36 -0.82 -12.20
CA LEU A 16 -9.49 -1.90 -11.83
C LEU A 16 -8.84 -1.66 -10.48
N ALA A 17 -8.60 -0.36 -10.14
CA ALA A 17 -8.29 0.12 -8.78
C ALA A 17 -9.33 -0.39 -7.83
N ALA A 18 -10.59 -0.13 -8.12
CA ALA A 18 -11.64 -0.51 -7.21
C ALA A 18 -11.83 -2.02 -7.26
N ASP A 19 -11.50 -2.65 -8.37
CA ASP A 19 -11.81 -4.06 -8.44
C ASP A 19 -10.93 -4.83 -9.44
N GLY A 20 -9.88 -5.43 -8.96
CA GLY A 20 -8.84 -5.80 -9.82
C GLY A 20 -9.23 -7.11 -10.36
N ARG A 21 -10.37 -7.65 -9.96
CA ARG A 21 -10.90 -8.86 -10.67
C ARG A 21 -12.09 -8.53 -11.59
N ALA A 22 -12.65 -7.29 -11.60
CA ALA A 22 -13.42 -6.74 -12.74
C ALA A 22 -13.13 -7.68 -13.92
N THR A 23 -14.17 -8.07 -14.66
CA THR A 23 -13.91 -8.85 -15.88
C THR A 23 -14.14 -8.06 -17.15
N LEU A 24 -13.45 -8.57 -18.17
CA LEU A 24 -13.37 -7.89 -19.41
C LEU A 24 -14.80 -7.46 -19.82
N SER A 25 -15.74 -8.39 -19.75
CA SER A 25 -17.09 -8.12 -20.17
C SER A 25 -17.76 -6.98 -19.35
N GLU A 26 -17.48 -7.02 -18.05
CA GLU A 26 -17.89 -6.00 -17.09
C GLU A 26 -17.25 -4.62 -17.35
N LEU A 27 -15.92 -4.62 -17.58
CA LEU A 27 -15.21 -3.39 -17.96
C LEU A 27 -15.79 -2.80 -19.25
N ALA A 28 -15.89 -3.66 -20.32
CA ALA A 28 -16.46 -3.30 -21.64
C ALA A 28 -17.88 -2.74 -21.52
N THR A 29 -18.75 -3.40 -20.79
CA THR A 29 -20.02 -2.74 -20.78
C THR A 29 -19.97 -1.41 -20.00
N ARG A 30 -18.97 -1.16 -19.15
CA ARG A 30 -18.81 0.17 -18.52
C ARG A 30 -18.11 1.25 -19.32
N ALA A 31 -17.04 0.94 -20.00
CA ALA A 31 -16.44 1.91 -20.92
C ALA A 31 -17.25 2.10 -22.22
N GLY A 32 -18.37 1.40 -22.42
CA GLY A 32 -19.00 1.25 -23.75
C GLY A 32 -18.10 0.74 -24.88
N LEU A 33 -17.31 -0.32 -24.67
CA LEU A 33 -16.48 -0.89 -25.76
C LEU A 33 -16.66 -2.40 -25.91
N SER A 34 -16.04 -2.98 -26.94
CA SER A 34 -16.09 -4.43 -27.05
C SER A 34 -15.02 -5.09 -26.14
N VAL A 35 -15.33 -6.29 -25.68
CA VAL A 35 -14.43 -6.98 -24.88
C VAL A 35 -13.08 -7.07 -25.58
N SER A 36 -12.96 -7.07 -26.88
CA SER A 36 -11.53 -7.06 -27.45
C SER A 36 -10.83 -5.69 -27.41
N ALA A 37 -11.62 -4.63 -27.60
CA ALA A 37 -11.10 -3.29 -27.40
C ALA A 37 -10.51 -3.24 -26.00
N VAL A 38 -11.30 -3.68 -25.01
CA VAL A 38 -10.93 -3.61 -23.58
C VAL A 38 -9.71 -4.44 -23.32
N GLN A 39 -9.72 -5.66 -23.78
CA GLN A 39 -8.53 -6.43 -23.55
C GLN A 39 -7.29 -5.78 -24.08
N SER A 40 -7.41 -5.01 -25.13
CA SER A 40 -6.18 -4.55 -25.66
C SER A 40 -5.73 -3.14 -25.11
N ARG A 41 -6.65 -2.22 -24.84
CA ARG A 41 -6.46 -1.14 -23.88
C ARG A 41 -5.84 -1.62 -22.53
N VAL A 42 -6.29 -2.71 -21.88
CA VAL A 42 -5.70 -3.18 -20.63
C VAL A 42 -4.26 -3.66 -20.84
N ARG A 43 -4.01 -4.48 -21.85
CA ARG A 43 -2.61 -4.79 -22.14
C ARG A 43 -1.75 -3.60 -22.46
N ARG A 44 -2.30 -2.55 -23.01
CA ARG A 44 -1.40 -1.48 -23.37
C ARG A 44 -1.00 -0.70 -22.07
N LEU A 45 -1.97 -0.53 -21.16
CA LEU A 45 -1.83 0.04 -19.87
C LEU A 45 -0.84 -0.72 -19.06
N GLU A 46 -0.92 -2.04 -19.15
CA GLU A 46 0.02 -2.88 -18.43
C GLU A 46 1.40 -2.79 -18.99
N SER A 47 1.59 -2.48 -20.25
CA SER A 47 2.97 -2.55 -20.78
C SER A 47 3.66 -1.16 -20.86
N ARG A 48 2.93 -0.04 -20.89
CA ARG A 48 3.44 1.18 -20.28
C ARG A 48 3.44 0.84 -18.81
N GLY A 49 4.00 1.56 -17.89
CA GLY A 49 3.85 0.86 -16.58
C GLY A 49 2.67 1.44 -15.83
N VAL A 50 1.53 1.71 -16.50
CA VAL A 50 0.41 2.28 -15.78
C VAL A 50 -0.20 1.34 -14.71
N VAL A 51 -0.36 0.07 -15.07
CA VAL A 51 -0.92 -0.96 -14.18
C VAL A 51 0.26 -1.86 -13.95
N GLN A 52 0.74 -1.94 -12.70
CA GLN A 52 1.95 -2.67 -12.37
C GLN A 52 1.67 -4.01 -11.83
N GLY A 53 0.44 -4.39 -11.52
CA GLY A 53 0.17 -5.83 -11.37
C GLY A 53 -1.09 -5.84 -10.56
N TYR A 54 -1.56 -7.06 -10.22
CA TYR A 54 -2.84 -7.11 -9.46
C TYR A 54 -2.57 -7.86 -8.22
N SER A 55 -3.12 -7.43 -7.21
CA SER A 55 -2.85 -8.06 -5.92
C SER A 55 -4.10 -8.07 -5.07
N ALA A 56 -4.21 -9.12 -4.28
CA ALA A 56 -5.30 -9.28 -3.33
C ALA A 56 -4.88 -8.50 -2.10
N ARG A 57 -5.86 -7.85 -1.49
CA ARG A 57 -5.62 -7.04 -0.29
C ARG A 57 -5.83 -7.86 0.95
N ILE A 58 -4.77 -8.49 1.36
CA ILE A 58 -4.77 -9.36 2.51
C ILE A 58 -4.57 -8.59 3.82
N ASN A 59 -5.40 -8.97 4.76
CA ASN A 59 -5.42 -8.40 6.12
C ASN A 59 -4.28 -8.98 6.94
N PRO A 60 -3.36 -8.05 7.35
CA PRO A 60 -2.11 -8.63 7.84
C PRO A 60 -2.30 -9.22 9.28
N GLU A 61 -3.26 -8.73 10.09
CA GLU A 61 -3.56 -9.37 11.37
C GLU A 61 -4.05 -10.79 11.25
N ALA A 62 -5.06 -10.99 10.39
CA ALA A 62 -5.47 -12.39 10.10
C ALA A 62 -4.32 -13.34 9.79
N VAL A 63 -3.19 -12.89 9.26
CA VAL A 63 -2.18 -13.86 8.90
C VAL A 63 -1.02 -13.86 9.81
N GLY A 64 -1.11 -13.16 10.93
CA GLY A 64 0.01 -13.26 11.91
C GLY A 64 0.90 -12.03 12.21
N HIS A 65 0.92 -11.09 11.27
CA HIS A 65 1.47 -9.77 11.49
C HIS A 65 0.64 -8.91 12.37
N LEU A 66 0.81 -9.14 13.65
CA LEU A 66 0.18 -8.32 14.65
C LEU A 66 0.87 -7.01 15.01
N LEU A 67 2.10 -6.69 14.52
CA LEU A 67 2.74 -5.41 14.76
C LEU A 67 3.31 -4.90 13.50
N SER A 68 3.10 -3.64 13.18
CA SER A 68 3.60 -3.06 11.98
C SER A 68 4.30 -1.78 12.40
N ALA A 69 5.25 -1.29 11.62
CA ALA A 69 6.01 -0.15 12.09
C ALA A 69 6.60 0.62 10.94
N PHE A 70 6.79 1.92 11.10
CA PHE A 70 7.54 2.62 10.07
C PHE A 70 8.92 2.64 10.66
N VAL A 71 9.93 2.19 9.93
CA VAL A 71 11.25 2.45 10.40
C VAL A 71 12.03 3.35 9.48
N ALA A 72 12.53 4.49 9.98
CA ALA A 72 13.31 5.43 9.20
C ALA A 72 14.78 5.05 9.33
N ILE A 73 15.55 5.04 8.24
CA ILE A 73 16.93 4.50 8.33
C ILE A 73 17.91 5.51 7.74
N THR A 74 19.06 5.59 8.32
CA THR A 74 19.96 6.52 7.82
C THR A 74 21.37 5.87 7.96
N PRO A 75 22.25 5.97 6.92
CA PRO A 75 23.63 5.43 6.78
C PRO A 75 24.51 5.70 7.95
N LEU A 76 25.10 4.61 8.45
CA LEU A 76 26.08 4.72 9.53
C LEU A 76 27.38 5.36 8.97
N ASP A 77 27.63 5.16 7.67
CA ASP A 77 28.69 5.85 7.02
C ASP A 77 28.24 6.19 5.62
N PRO A 78 27.88 7.46 5.44
CA PRO A 78 27.19 8.00 4.24
C PRO A 78 27.92 7.83 2.91
N SER A 79 29.20 7.38 2.96
CA SER A 79 30.10 7.39 1.74
C SER A 79 29.80 6.52 0.41
N GLN A 80 29.64 5.16 0.42
CA GLN A 80 29.23 4.40 -0.87
C GLN A 80 27.97 5.11 -1.46
N PRO A 81 27.80 5.15 -2.85
CA PRO A 81 26.34 5.10 -3.18
C PRO A 81 25.50 4.08 -2.24
N ASP A 82 24.20 4.24 -2.39
CA ASP A 82 23.39 3.80 -1.36
C ASP A 82 22.81 2.48 -1.78
N ASP A 83 23.36 1.47 -1.16
CA ASP A 83 22.99 0.12 -1.31
C ASP A 83 21.63 -0.31 -0.80
N ALA A 84 21.14 0.40 0.21
CA ALA A 84 20.21 -0.15 1.18
C ALA A 84 18.92 -0.73 0.63
N PRO A 85 18.26 0.00 -0.26
CA PRO A 85 17.09 -0.72 -0.82
C PRO A 85 17.41 -2.08 -1.43
N ALA A 86 18.50 -2.20 -2.22
CA ALA A 86 18.97 -3.52 -2.73
C ALA A 86 19.25 -4.47 -1.59
N ARG A 87 20.07 -4.10 -0.60
CA ARG A 87 20.40 -5.06 0.42
C ARG A 87 19.25 -5.52 1.35
N LEU A 88 18.12 -4.81 1.36
CA LEU A 88 16.95 -5.12 2.25
C LEU A 88 15.82 -5.80 1.50
N GLU A 89 15.93 -5.78 0.15
CA GLU A 89 14.97 -6.31 -0.84
C GLU A 89 14.72 -7.75 -0.43
N HIS A 90 15.66 -8.40 0.20
CA HIS A 90 15.44 -9.78 0.50
C HIS A 90 15.00 -10.15 1.94
N ILE A 91 14.74 -9.14 2.79
CA ILE A 91 14.06 -9.30 4.08
C ILE A 91 12.56 -9.21 3.86
N GLU A 92 11.89 -10.31 4.08
CA GLU A 92 10.56 -10.44 3.56
C GLU A 92 9.62 -9.58 4.39
N GLU A 93 10.00 -9.33 5.64
CA GLU A 93 9.16 -8.51 6.46
C GLU A 93 9.23 -7.03 6.14
N VAL A 94 10.11 -6.63 5.25
CA VAL A 94 9.96 -5.30 4.72
C VAL A 94 9.09 -5.17 3.50
N GLU A 95 7.97 -4.48 3.67
CA GLU A 95 6.98 -4.38 2.66
C GLU A 95 7.07 -3.15 1.69
N SER A 96 7.73 -2.06 2.08
CA SER A 96 7.81 -0.83 1.31
C SER A 96 9.10 -0.16 1.75
N CYS A 97 9.77 0.48 0.80
CA CYS A 97 11.01 1.13 1.03
C CYS A 97 10.94 2.44 0.16
N TYR A 98 11.00 3.61 0.77
CA TYR A 98 11.04 4.85 0.08
C TYR A 98 12.29 5.65 0.48
N SER A 99 12.91 6.42 -0.42
CA SER A 99 13.91 7.46 -0.01
C SER A 99 13.10 8.71 0.14
N VAL A 100 13.62 9.64 0.94
CA VAL A 100 12.79 10.65 1.54
C VAL A 100 13.64 11.93 1.68
N ALA A 101 13.05 13.11 1.73
CA ALA A 101 13.83 14.32 1.96
C ALA A 101 13.85 14.51 3.42
N GLY A 102 14.93 15.10 3.93
CA GLY A 102 15.07 15.50 5.29
C GLY A 102 16.26 14.81 5.92
N GLU A 103 16.19 14.51 7.19
CA GLU A 103 17.40 14.11 7.88
C GLU A 103 17.68 12.63 7.68
N GLU A 104 16.66 11.80 7.60
CA GLU A 104 16.83 10.37 7.34
C GLU A 104 16.88 10.06 5.86
N SER A 105 17.25 8.84 5.41
CA SER A 105 17.26 8.54 3.95
C SER A 105 16.19 7.67 3.42
N TYR A 106 15.85 6.65 4.16
CA TYR A 106 14.70 5.88 3.71
C TYR A 106 13.73 5.69 4.84
N VAL A 107 12.50 5.30 4.45
CA VAL A 107 11.45 4.96 5.37
C VAL A 107 11.02 3.60 4.89
N LEU A 108 10.86 2.66 5.82
CA LEU A 108 10.36 1.33 5.53
C LEU A 108 9.07 1.12 6.32
N LEU A 109 8.11 0.46 5.71
CA LEU A 109 6.99 -0.12 6.45
C LEU A 109 7.35 -1.53 6.64
N VAL A 110 7.13 -2.01 7.85
CA VAL A 110 7.67 -3.31 8.28
C VAL A 110 6.59 -4.07 9.09
N ARG A 111 6.51 -5.39 8.99
CA ARG A 111 5.39 -6.10 9.72
C ARG A 111 5.82 -7.38 10.29
N VAL A 112 5.44 -7.66 11.51
CA VAL A 112 6.13 -8.68 12.32
C VAL A 112 5.09 -9.28 13.32
N ALA A 113 5.43 -10.39 13.94
CA ALA A 113 4.55 -11.09 14.85
C ALA A 113 4.35 -10.42 16.20
N SER A 114 5.37 -9.71 16.69
CA SER A 114 5.36 -9.30 18.09
C SER A 114 6.40 -8.30 18.41
N ALA A 115 6.39 -7.79 19.65
CA ALA A 115 7.45 -6.88 20.04
C ALA A 115 8.78 -7.56 19.91
N ARG A 116 8.90 -8.79 20.41
CA ARG A 116 10.21 -9.40 20.34
C ARG A 116 10.63 -9.69 18.95
N ALA A 117 9.72 -10.04 18.05
CA ALA A 117 10.07 -10.22 16.64
C ALA A 117 10.53 -8.87 16.02
N LEU A 118 9.91 -7.75 16.47
CA LEU A 118 10.42 -6.46 16.10
C LEU A 118 11.88 -6.25 16.59
N GLU A 119 12.25 -6.56 17.84
CA GLU A 119 13.69 -6.31 18.10
C GLU A 119 14.67 -7.08 17.21
N ASP A 120 14.23 -8.29 16.86
CA ASP A 120 15.08 -9.08 16.07
C ASP A 120 15.22 -8.45 14.68
N LEU A 121 14.09 -8.01 14.14
CA LEU A 121 14.15 -7.46 12.83
C LEU A 121 14.97 -6.16 12.79
N LEU A 122 14.98 -5.38 13.87
CA LEU A 122 15.66 -4.06 13.82
C LEU A 122 17.15 -4.36 13.70
N GLN A 123 17.61 -5.25 14.58
CA GLN A 123 18.90 -5.83 14.40
C GLN A 123 19.22 -6.26 12.99
N ARG A 124 18.36 -7.03 12.34
CA ARG A 124 18.79 -7.56 11.07
C ARG A 124 18.95 -6.37 10.16
N ILE A 125 18.02 -5.40 10.17
CA ILE A 125 18.11 -4.22 9.34
C ILE A 125 19.39 -3.44 9.70
N ARG A 126 19.64 -3.24 10.99
CA ARG A 126 20.85 -2.46 11.41
C ARG A 126 22.01 -3.11 10.71
N THR A 127 22.05 -4.43 10.83
CA THR A 127 23.20 -5.05 10.30
C THR A 127 23.24 -5.21 8.82
N THR A 128 22.12 -5.49 8.20
CA THR A 128 22.28 -5.70 6.82
C THR A 128 22.47 -4.43 6.04
N ALA A 129 22.08 -3.25 6.53
CA ALA A 129 22.22 -2.06 5.64
C ALA A 129 23.12 -1.06 6.31
N ASN A 130 23.56 -1.43 7.51
CA ASN A 130 24.58 -0.65 8.16
C ASN A 130 24.14 0.79 8.31
N VAL A 131 23.20 1.00 9.23
CA VAL A 131 22.20 2.06 9.09
C VAL A 131 21.78 2.28 10.55
N ARG A 132 21.51 3.51 10.99
CA ARG A 132 20.78 3.63 12.28
C ARG A 132 19.31 3.61 12.05
N THR A 133 18.50 3.27 13.05
CA THR A 133 17.07 3.18 12.77
C THR A 133 16.22 4.07 13.69
N ARG A 134 15.12 4.66 13.25
CA ARG A 134 14.22 5.35 14.21
C ARG A 134 12.88 4.64 13.99
N SER A 135 12.25 4.08 14.99
CA SER A 135 11.06 3.26 14.75
C SER A 135 9.84 3.93 15.16
N THR A 136 8.77 3.82 14.39
CA THR A 136 7.43 4.36 14.84
C THR A 136 6.42 3.23 14.73
N ILE A 137 5.99 2.68 15.86
CA ILE A 137 4.97 1.62 15.82
C ILE A 137 3.64 2.20 15.38
N ILE A 138 2.96 1.40 14.49
CA ILE A 138 1.61 1.70 14.10
C ILE A 138 0.67 1.06 15.11
N LEU A 139 -0.30 1.80 15.67
CA LEU A 139 -1.17 1.29 16.74
C LEU A 139 -2.41 0.81 16.03
N ASN A 140 -2.70 1.42 14.85
CA ASN A 140 -3.97 1.23 14.16
C ASN A 140 -4.03 1.80 12.76
N THR A 141 -4.42 1.01 11.77
CA THR A 141 -4.62 1.49 10.45
C THR A 141 -6.11 1.81 10.28
N PHE A 142 -6.49 3.03 9.93
CA PHE A 142 -7.86 3.39 9.73
C PHE A 142 -8.35 3.11 8.34
N TYR A 143 -7.52 3.22 7.31
CA TYR A 143 -7.81 2.84 5.92
C TYR A 143 -6.47 3.02 5.20
N SER A 144 -6.29 2.24 4.17
CA SER A 144 -5.04 2.31 3.44
C SER A 144 -5.16 1.95 1.94
N ASP A 145 -4.13 2.19 1.18
CA ASP A 145 -4.25 2.03 -0.25
C ASP A 145 -5.52 2.53 -0.81
N ARG A 146 -6.13 3.60 -0.42
CA ARG A 146 -7.19 3.91 -1.25
C ARG A 146 -6.75 4.73 -2.44
N GLN A 147 -6.39 4.09 -3.56
CA GLN A 147 -5.86 4.82 -4.81
C GLN A 147 -6.81 5.79 -5.45
N HIS A 148 -6.34 6.97 -5.85
CA HIS A 148 -7.17 8.10 -6.35
C HIS A 148 -6.77 8.36 -7.80
N ILE A 149 -7.73 8.23 -8.72
CA ILE A 149 -7.49 8.59 -10.12
C ILE A 149 -8.32 9.86 -10.42
N PRO A 150 -7.63 10.97 -10.75
CA PRO A 150 -8.25 12.30 -10.90
C PRO A 150 -8.63 12.74 -12.34
N ALA B 4 -7.71 -20.65 13.21
CA ALA B 4 -7.59 -21.41 11.92
C ALA B 4 -7.17 -20.55 10.67
N LEU B 5 -6.00 -20.90 10.12
CA LEU B 5 -5.70 -20.67 8.71
C LEU B 5 -5.00 -21.91 8.14
N ASP B 6 -5.82 -22.95 7.97
CA ASP B 6 -5.41 -24.19 7.32
C ASP B 6 -4.39 -23.93 6.19
N ASP B 7 -3.12 -24.28 6.39
CA ASP B 7 -2.08 -23.92 5.41
C ASP B 7 -2.28 -24.37 3.92
N ILE B 8 -3.52 -24.78 3.59
CA ILE B 8 -3.99 -24.74 2.18
C ILE B 8 -4.50 -23.31 1.85
N ASP B 9 -5.29 -22.73 2.77
CA ASP B 9 -5.64 -21.31 2.76
C ASP B 9 -4.35 -20.44 2.74
N ARG B 10 -3.29 -20.94 3.33
CA ARG B 10 -2.03 -20.22 3.37
C ARG B 10 -1.50 -20.10 1.93
N ILE B 11 -1.47 -21.20 1.13
CA ILE B 11 -0.90 -21.25 -0.27
C ILE B 11 -1.75 -20.39 -1.21
N LEU B 12 -3.05 -20.40 -0.88
CA LEU B 12 -3.99 -19.53 -1.56
C LEU B 12 -3.70 -18.01 -1.48
N VAL B 13 -3.59 -17.46 -0.28
CA VAL B 13 -3.27 -16.06 -0.12
C VAL B 13 -1.89 -15.70 -0.70
N ARG B 14 -0.89 -16.58 -0.65
CA ARG B 14 0.42 -16.24 -1.21
C ARG B 14 0.26 -16.05 -2.67
N GLU B 15 -0.48 -17.00 -3.24
CA GLU B 15 -0.82 -17.02 -4.66
C GLU B 15 -1.61 -15.79 -5.22
N LEU B 16 -2.64 -15.37 -4.49
CA LEU B 16 -3.48 -14.22 -4.79
C LEU B 16 -2.87 -12.85 -4.52
N ALA B 17 -1.90 -12.80 -3.57
CA ALA B 17 -1.16 -11.61 -3.22
C ALA B 17 -0.18 -11.28 -4.35
N ALA B 18 0.57 -12.26 -4.83
CA ALA B 18 1.44 -11.99 -5.94
C ALA B 18 0.66 -11.78 -7.23
N ASP B 19 -0.56 -12.32 -7.31
CA ASP B 19 -1.37 -12.22 -8.53
C ASP B 19 -2.89 -12.26 -8.36
N GLY B 20 -3.51 -11.11 -8.39
CA GLY B 20 -4.86 -11.02 -7.92
C GLY B 20 -5.84 -11.33 -9.02
N ARG B 21 -5.28 -11.57 -10.22
CA ARG B 21 -6.08 -12.06 -11.32
C ARG B 21 -5.94 -13.56 -11.56
N ALA B 22 -4.84 -14.22 -11.15
CA ALA B 22 -4.77 -15.72 -11.16
C ALA B 22 -6.21 -16.26 -11.11
N THR B 23 -6.55 -17.28 -11.90
CA THR B 23 -8.00 -17.56 -12.10
C THR B 23 -8.43 -18.78 -11.35
N LEU B 24 -9.73 -18.84 -10.96
CA LEU B 24 -10.21 -19.87 -9.98
C LEU B 24 -9.57 -21.27 -10.31
N SER B 25 -9.37 -21.56 -11.60
CA SER B 25 -8.68 -22.77 -12.09
C SER B 25 -7.16 -22.80 -11.91
N GLU B 26 -6.37 -22.08 -12.75
CA GLU B 26 -4.88 -21.99 -12.61
C GLU B 26 -4.42 -22.13 -11.14
N LEU B 27 -5.20 -21.58 -10.20
CA LEU B 27 -4.92 -21.73 -8.76
C LEU B 27 -4.97 -23.19 -8.32
N ALA B 28 -6.20 -23.73 -8.25
CA ALA B 28 -6.49 -25.19 -8.14
C ALA B 28 -5.41 -26.16 -8.67
N THR B 29 -4.83 -25.94 -9.88
CA THR B 29 -3.57 -26.70 -10.22
C THR B 29 -2.46 -26.57 -9.13
N ARG B 30 -1.53 -25.56 -9.22
CA ARG B 30 -0.52 -25.35 -8.09
C ARG B 30 -1.07 -25.57 -6.61
N ALA B 31 -2.39 -25.46 -6.36
CA ALA B 31 -2.93 -25.80 -4.98
C ALA B 31 -3.56 -27.24 -4.78
N GLY B 32 -3.47 -28.14 -5.82
CA GLY B 32 -4.04 -29.55 -5.80
C GLY B 32 -5.48 -29.62 -5.20
N LEU B 33 -6.43 -28.93 -5.87
CA LEU B 33 -7.85 -28.95 -5.48
C LEU B 33 -8.88 -28.84 -6.67
N SER B 34 -10.13 -29.27 -6.42
CA SER B 34 -11.20 -29.00 -7.45
C SER B 34 -11.42 -27.44 -7.57
N VAL B 35 -11.27 -26.87 -8.78
CA VAL B 35 -12.08 -25.62 -9.12
C VAL B 35 -13.30 -25.35 -8.14
N SER B 36 -13.91 -26.40 -7.56
CA SER B 36 -15.11 -26.11 -6.72
C SER B 36 -14.80 -25.70 -5.26
N ALA B 37 -13.84 -26.43 -4.66
CA ALA B 37 -13.41 -26.25 -3.25
C ALA B 37 -12.51 -24.99 -3.16
N VAL B 38 -11.75 -24.77 -4.25
CA VAL B 38 -11.01 -23.52 -4.40
C VAL B 38 -12.04 -22.39 -4.41
N GLN B 39 -13.16 -22.54 -5.10
CA GLN B 39 -14.10 -21.45 -5.12
C GLN B 39 -14.71 -21.13 -3.73
N SER B 40 -14.82 -22.15 -2.87
CA SER B 40 -15.61 -22.00 -1.62
C SER B 40 -14.83 -21.24 -0.55
N ARG B 41 -13.61 -21.75 -0.28
CA ARG B 41 -12.58 -21.15 0.63
C ARG B 41 -12.43 -19.64 0.39
N VAL B 42 -11.98 -19.30 -0.83
CA VAL B 42 -11.97 -17.94 -1.35
C VAL B 42 -13.24 -17.15 -0.93
N ARG B 43 -14.44 -17.73 -1.10
CA ARG B 43 -15.69 -17.07 -0.66
C ARG B 43 -15.75 -16.90 0.93
N ARG B 44 -15.18 -17.86 1.64
CA ARG B 44 -15.15 -17.83 3.12
C ARG B 44 -13.99 -16.91 3.60
N LEU B 45 -12.88 -16.95 2.84
CA LEU B 45 -11.74 -16.05 3.05
C LEU B 45 -12.12 -14.59 2.89
N GLU B 46 -13.08 -14.26 2.03
CA GLU B 46 -13.47 -12.85 1.89
C GLU B 46 -14.51 -12.49 2.92
N SER B 47 -15.26 -13.51 3.33
CA SER B 47 -16.28 -13.40 4.39
C SER B 47 -15.68 -13.14 5.82
N ARG B 48 -14.93 -14.13 6.35
CA ARG B 48 -13.85 -13.94 7.33
C ARG B 48 -13.01 -12.81 6.68
N GLY B 49 -12.75 -11.69 7.35
CA GLY B 49 -12.09 -10.61 6.58
C GLY B 49 -10.60 -10.83 6.25
N VAL B 50 -10.20 -12.01 5.82
CA VAL B 50 -8.84 -12.29 5.45
C VAL B 50 -8.44 -11.69 4.06
N VAL B 51 -9.24 -11.87 2.99
CA VAL B 51 -8.97 -11.07 1.81
C VAL B 51 -9.98 -9.95 1.83
N GLN B 52 -9.51 -8.71 1.82
CA GLN B 52 -10.36 -7.52 1.98
C GLN B 52 -10.79 -6.92 0.65
N GLY B 53 -10.27 -7.45 -0.46
CA GLY B 53 -10.56 -6.90 -1.76
C GLY B 53 -9.43 -7.18 -2.74
N TYR B 54 -9.65 -6.72 -4.00
CA TYR B 54 -8.70 -6.92 -5.12
C TYR B 54 -8.37 -5.62 -5.74
N SER B 55 -7.10 -5.33 -6.00
CA SER B 55 -6.83 -4.01 -6.55
C SER B 55 -5.79 -4.14 -7.61
N ALA B 56 -5.91 -3.34 -8.65
CA ALA B 56 -4.86 -3.21 -9.57
C ALA B 56 -3.96 -2.22 -8.89
N ARG B 57 -2.69 -2.35 -9.15
CA ARG B 57 -1.75 -1.47 -8.58
C ARG B 57 -1.29 -0.47 -9.63
N ILE B 58 -1.83 0.75 -9.51
CA ILE B 58 -1.60 1.81 -10.44
C ILE B 58 -0.36 2.64 -10.11
N ASN B 59 0.58 2.77 -11.04
CA ASN B 59 1.65 3.74 -10.92
C ASN B 59 1.07 5.14 -10.75
N PRO B 60 1.42 5.87 -9.64
CA PRO B 60 0.88 7.25 -9.36
C PRO B 60 1.41 8.43 -10.24
N GLU B 61 2.60 8.31 -10.82
CA GLU B 61 3.03 9.40 -11.66
C GLU B 61 2.28 9.34 -12.92
N ALA B 62 2.12 8.11 -13.39
CA ALA B 62 1.41 7.83 -14.62
C ALA B 62 0.05 8.50 -14.64
N VAL B 63 -0.50 8.85 -13.52
CA VAL B 63 -1.78 9.48 -13.44
C VAL B 63 -1.61 10.94 -12.96
N GLY B 64 -0.35 11.40 -12.96
CA GLY B 64 -0.04 12.80 -12.63
C GLY B 64 0.01 13.15 -11.12
N HIS B 65 0.36 12.13 -10.31
CA HIS B 65 0.63 12.28 -8.90
C HIS B 65 2.15 12.23 -8.82
N LEU B 66 2.76 13.39 -9.07
CA LEU B 66 4.26 13.58 -9.15
C LEU B 66 4.95 13.89 -7.81
N LEU B 67 4.14 14.18 -6.80
CA LEU B 67 4.64 14.38 -5.49
C LEU B 67 3.78 13.58 -4.56
N SER B 68 4.42 12.75 -3.78
CA SER B 68 3.78 12.01 -2.68
C SER B 68 4.38 12.46 -1.34
N ALA B 69 3.73 12.26 -0.20
CA ALA B 69 4.42 12.69 1.06
C ALA B 69 3.78 11.94 2.22
N PHE B 70 4.56 11.63 3.24
CA PHE B 70 3.99 11.25 4.54
C PHE B 70 3.65 12.53 5.27
N VAL B 71 2.52 12.63 5.89
CA VAL B 71 2.24 13.85 6.56
C VAL B 71 1.86 13.49 7.99
N ALA B 72 2.50 14.07 8.97
CA ALA B 72 2.31 13.62 10.31
C ALA B 72 1.42 14.63 10.96
N ILE B 73 0.32 14.19 11.50
CA ILE B 73 -0.57 15.22 12.08
C ILE B 73 -0.80 14.97 13.53
N THR B 74 -1.16 16.02 14.26
CA THR B 74 -1.37 16.04 15.73
C THR B 74 -2.45 17.08 15.96
N PRO B 75 -3.53 16.68 16.70
CA PRO B 75 -4.59 17.67 16.88
C PRO B 75 -4.22 18.83 17.83
N LEU B 76 -4.75 20.01 17.46
CA LEU B 76 -4.44 21.29 18.11
C LEU B 76 -5.10 21.44 19.48
N ASP B 77 -6.28 20.85 19.66
CA ASP B 77 -6.97 21.01 20.87
C ASP B 77 -7.31 19.68 21.51
N PRO B 78 -6.50 19.22 22.47
CA PRO B 78 -6.73 17.92 23.10
C PRO B 78 -8.08 17.81 23.85
N SER B 79 -8.78 18.91 23.96
CA SER B 79 -10.05 18.81 24.61
C SER B 79 -11.19 18.55 23.66
N GLN B 80 -11.08 18.62 22.34
CA GLN B 80 -12.18 18.26 21.44
C GLN B 80 -12.12 16.73 21.28
N PRO B 81 -13.22 16.05 20.94
CA PRO B 81 -13.15 14.65 20.51
C PRO B 81 -12.17 14.49 19.40
N ASP B 82 -11.37 13.45 19.45
CA ASP B 82 -10.29 13.34 18.51
C ASP B 82 -10.72 12.49 17.36
N ASP B 83 -11.36 13.06 16.36
CA ASP B 83 -11.91 12.23 15.31
C ASP B 83 -11.25 12.45 13.97
N ALA B 84 -9.96 12.76 13.96
CA ALA B 84 -9.34 13.21 12.72
C ALA B 84 -9.47 12.17 11.55
N PRO B 85 -9.30 10.83 11.78
CA PRO B 85 -9.41 9.95 10.59
C PRO B 85 -10.71 10.07 9.80
N ALA B 86 -11.82 10.17 10.54
CA ALA B 86 -13.13 10.40 10.03
C ALA B 86 -13.28 11.82 9.41
N ARG B 87 -12.89 12.89 10.07
CA ARG B 87 -12.90 14.17 9.33
C ARG B 87 -12.00 14.25 8.07
N LEU B 88 -11.04 13.36 7.87
CA LEU B 88 -10.23 13.48 6.69
C LEU B 88 -10.64 12.47 5.63
N GLU B 89 -11.45 11.51 6.02
CA GLU B 89 -11.78 10.41 5.14
C GLU B 89 -12.37 10.90 3.78
N HIS B 90 -13.10 11.99 3.75
CA HIS B 90 -13.61 12.52 2.52
C HIS B 90 -12.58 13.18 1.60
N ILE B 91 -11.44 13.60 2.13
CA ILE B 91 -10.44 14.10 1.27
C ILE B 91 -9.66 13.01 0.58
N GLU B 92 -9.55 13.08 -0.72
CA GLU B 92 -9.43 11.84 -1.45
C GLU B 92 -8.05 11.61 -1.84
N GLU B 93 -7.24 12.60 -1.65
CA GLU B 93 -5.84 12.31 -1.90
C GLU B 93 -5.11 11.84 -0.67
N VAL B 94 -5.81 11.65 0.46
CA VAL B 94 -5.24 10.86 1.53
C VAL B 94 -5.40 9.40 1.27
N GLU B 95 -4.35 8.73 0.87
CA GLU B 95 -4.42 7.36 0.53
C GLU B 95 -4.47 6.46 1.71
N SER B 96 -4.00 6.90 2.88
CA SER B 96 -3.74 6.01 4.03
C SER B 96 -3.70 6.87 5.26
N CYS B 97 -4.32 6.39 6.33
CA CYS B 97 -4.17 7.09 7.59
C CYS B 97 -4.02 6.08 8.76
N TYR B 98 -2.91 6.16 9.49
CA TYR B 98 -2.54 5.29 10.61
C TYR B 98 -2.46 6.15 11.86
N SER B 99 -2.71 5.54 13.03
CA SER B 99 -2.30 6.18 14.30
C SER B 99 -1.09 5.49 14.72
N VAL B 100 -0.35 6.16 15.58
CA VAL B 100 1.08 5.87 15.58
C VAL B 100 1.61 6.20 16.96
N ALA B 101 2.61 5.46 17.45
CA ALA B 101 3.26 5.88 18.74
C ALA B 101 4.49 6.53 18.39
N GLY B 102 4.50 7.86 18.31
CA GLY B 102 5.72 8.55 17.94
C GLY B 102 5.72 9.88 18.57
N GLU B 103 6.09 10.88 17.74
CA GLU B 103 5.88 12.28 18.15
C GLU B 103 4.64 12.96 17.68
N GLU B 104 3.90 12.32 16.81
CA GLU B 104 2.74 12.85 16.15
C GLU B 104 1.61 11.80 16.43
N SER B 105 0.33 12.21 16.32
CA SER B 105 -0.73 11.30 16.54
C SER B 105 -0.98 10.35 15.42
N TYR B 106 -0.95 10.86 14.17
CA TYR B 106 -1.23 10.00 13.01
C TYR B 106 -0.23 10.24 11.93
N VAL B 107 -0.14 9.32 10.96
CA VAL B 107 0.68 9.53 9.74
C VAL B 107 -0.27 9.25 8.53
N LEU B 108 -0.20 10.08 7.49
CA LEU B 108 -1.00 10.00 6.32
C LEU B 108 -0.07 9.75 5.18
N LEU B 109 -0.51 9.02 4.18
CA LEU B 109 0.27 9.04 2.94
C LEU B 109 -0.62 9.82 1.99
N VAL B 110 -0.02 10.72 1.22
CA VAL B 110 -0.81 11.68 0.46
C VAL B 110 -0.14 11.82 -0.87
N ARG B 111 -0.97 12.08 -1.87
CA ARG B 111 -0.48 12.19 -3.30
C ARG B 111 -1.08 13.34 -4.01
N VAL B 112 -0.29 13.98 -4.83
CA VAL B 112 -0.63 15.30 -5.19
C VAL B 112 0.14 15.54 -6.49
N ALA B 113 -0.22 16.65 -7.13
CA ALA B 113 0.23 16.97 -8.56
C ALA B 113 1.61 17.55 -8.53
N SER B 114 1.81 18.40 -7.49
CA SER B 114 2.98 19.18 -7.36
C SER B 114 3.13 19.79 -5.93
N ALA B 115 4.36 20.24 -5.63
CA ALA B 115 4.61 21.09 -4.43
C ALA B 115 3.51 22.16 -4.11
N ARG B 116 2.94 22.75 -5.14
CA ARG B 116 1.95 23.81 -4.89
C ARG B 116 0.62 23.22 -4.38
N ALA B 117 0.15 22.23 -5.12
CA ALA B 117 -0.90 21.39 -4.71
C ALA B 117 -0.67 20.85 -3.21
N LEU B 118 0.53 20.43 -2.82
CA LEU B 118 0.67 20.02 -1.45
C LEU B 118 0.44 21.13 -0.46
N GLU B 119 0.92 22.32 -0.76
CA GLU B 119 0.78 23.39 0.22
C GLU B 119 -0.65 23.60 0.54
N ASP B 120 -1.38 23.48 -0.53
CA ASP B 120 -2.76 23.58 -0.56
C ASP B 120 -3.54 22.52 0.19
N LEU B 121 -3.32 21.28 -0.19
CA LEU B 121 -3.79 20.14 0.56
C LEU B 121 -3.58 20.32 2.06
N LEU B 122 -2.48 20.97 2.47
CA LEU B 122 -2.08 20.95 3.84
C LEU B 122 -2.83 21.93 4.58
N GLN B 123 -3.06 23.09 3.94
CA GLN B 123 -4.01 24.15 4.39
C GLN B 123 -5.40 23.50 4.64
N ARG B 124 -5.88 22.74 3.67
CA ARG B 124 -7.16 22.05 3.78
C ARG B 124 -7.19 21.00 4.85
N ILE B 125 -6.13 20.17 4.97
CA ILE B 125 -5.95 19.29 6.14
C ILE B 125 -6.00 20.04 7.47
N ARG B 126 -5.26 21.13 7.60
CA ARG B 126 -5.24 21.87 8.89
C ARG B 126 -6.57 22.34 9.25
N THR B 127 -7.32 22.79 8.26
CA THR B 127 -8.56 23.41 8.65
C THR B 127 -9.62 22.37 8.73
N THR B 128 -9.62 21.37 7.87
CA THR B 128 -10.64 20.42 8.12
C THR B 128 -10.58 19.54 9.38
N ALA B 129 -9.47 18.86 9.75
CA ALA B 129 -9.35 18.27 11.12
C ALA B 129 -8.68 19.36 11.92
N ASN B 130 -8.62 19.38 13.21
CA ASN B 130 -8.01 20.72 13.57
C ASN B 130 -6.51 20.47 13.95
N VAL B 131 -5.67 20.27 12.93
CA VAL B 131 -4.35 19.59 13.24
C VAL B 131 -3.17 20.45 12.86
N ARG B 132 -2.04 20.38 13.59
CA ARG B 132 -0.77 20.74 12.90
C ARG B 132 -0.26 19.63 11.97
N THR B 133 0.47 19.99 10.88
CA THR B 133 1.04 19.03 9.91
C THR B 133 2.58 19.12 9.91
N ARG B 134 3.27 18.00 9.74
CA ARG B 134 4.73 17.96 9.66
C ARG B 134 4.89 17.00 8.49
N SER B 135 5.44 17.47 7.39
CA SER B 135 5.47 16.52 6.30
C SER B 135 6.81 16.15 5.66
N THR B 136 6.81 14.93 5.10
CA THR B 136 8.02 14.31 4.63
C THR B 136 7.91 13.87 3.23
N ILE B 137 8.73 14.43 2.38
CA ILE B 137 8.45 14.26 0.98
C ILE B 137 9.11 13.04 0.43
N ILE B 138 8.40 12.22 -0.33
CA ILE B 138 9.02 10.95 -0.85
C ILE B 138 9.73 11.32 -2.18
N LEU B 139 11.02 11.11 -2.27
CA LEU B 139 11.68 11.29 -3.56
C LEU B 139 11.37 10.08 -4.51
N ASN B 140 11.59 8.85 -4.03
CA ASN B 140 11.38 7.68 -4.83
C ASN B 140 10.83 6.42 -4.13
N THR B 141 9.97 5.62 -4.77
CA THR B 141 9.48 4.41 -4.16
C THR B 141 10.25 3.22 -4.72
N PHE B 142 11.01 2.50 -3.90
CA PHE B 142 11.78 1.43 -4.42
C PHE B 142 10.87 0.17 -4.53
N TYR B 143 10.04 -0.13 -3.54
CA TYR B 143 9.03 -1.17 -3.74
C TYR B 143 8.08 -0.86 -2.68
N SER B 144 6.90 -1.43 -2.81
CA SER B 144 5.77 -0.93 -2.20
C SER B 144 4.82 -2.17 -2.16
N ASP B 145 3.91 -2.28 -1.20
CA ASP B 145 3.09 -3.54 -1.01
C ASP B 145 3.66 -4.93 -1.23
N ARG B 146 4.92 -5.22 -0.96
CA ARG B 146 5.35 -6.59 -1.13
C ARG B 146 4.77 -7.26 0.05
N GLN B 147 3.55 -7.81 -0.07
CA GLN B 147 2.88 -8.62 0.95
C GLN B 147 3.52 -9.95 1.33
N HIS B 148 3.79 -10.16 2.59
CA HIS B 148 4.56 -11.33 3.05
C HIS B 148 3.64 -12.28 3.79
N ILE B 149 3.73 -13.57 3.48
CA ILE B 149 2.87 -14.51 4.17
C ILE B 149 3.72 -15.63 4.71
N PRO B 150 3.83 -15.68 6.06
CA PRO B 150 4.69 -16.58 6.92
C PRO B 150 4.93 -18.10 6.60
#